data_6FPV
#
_entry.id   6FPV
#
_cell.length_a   57.680
_cell.length_b   57.680
_cell.length_c   64.751
_cell.angle_alpha   90.000
_cell.angle_beta   90.000
_cell.angle_gamma   120.000
#
_symmetry.space_group_name_H-M   'P 31'
#
loop_
_entity.id
_entity.type
_entity.pdbx_description
1 polymer Nanobody
2 non-polymer GLYCEROL
3 water water
#
_entity_poly.entity_id   1
_entity_poly.type   'polypeptide(L)'
_entity_poly.pdbx_seq_one_letter_code
;MKYLLPTAAAGLLLLAAQPAMAQVQLVESGGGLVQAGGSLRLSCAASGSFFSINDMGWYRQAPGKQRELVAVISSGGSTN
YADSVEGRSTISSDNAKNTVYLQLSSLKPEDTAVYYCNANVRLREYRTTSYHYWGQGTQVTVSSHHHHHHEPEA
;
_entity_poly.pdbx_strand_id   A,B
#
loop_
_chem_comp.id
_chem_comp.type
_chem_comp.name
_chem_comp.formula
GOL non-polymer GLYCEROL 'C3 H8 O3'
#
# COMPACT_ATOMS: atom_id res chain seq x y z
N GLN A 23 12.25 -7.26 -28.06
CA GLN A 23 11.41 -8.16 -27.22
C GLN A 23 10.88 -7.40 -26.00
N VAL A 24 9.75 -7.85 -25.50
CA VAL A 24 9.16 -7.26 -24.29
C VAL A 24 8.80 -8.42 -23.37
N GLN A 25 9.14 -8.30 -22.10
CA GLN A 25 9.03 -9.40 -21.15
C GLN A 25 8.31 -8.83 -19.94
N LEU A 26 7.32 -9.54 -19.45
CA LEU A 26 6.68 -9.16 -18.17
C LEU A 26 7.11 -10.10 -17.05
N VAL A 27 7.58 -9.55 -15.94
CA VAL A 27 8.01 -10.43 -14.84
C VAL A 27 7.06 -10.21 -13.66
N GLU A 28 6.32 -11.27 -13.30
CA GLU A 28 5.27 -11.25 -12.27
C GLU A 28 5.86 -11.82 -10.98
N SER A 29 5.61 -11.18 -9.84
CA SER A 29 6.09 -11.62 -8.54
C SER A 29 5.01 -11.47 -7.52
N GLY A 30 5.09 -12.30 -6.48
N GLY A 30 5.12 -12.24 -6.44
CA GLY A 30 4.24 -12.19 -5.30
CA GLY A 30 4.13 -12.26 -5.38
C GLY A 30 3.23 -13.30 -5.08
C GLY A 30 3.21 -13.42 -5.61
N GLY A 31 3.19 -14.29 -5.95
N GLY A 31 2.37 -13.71 -4.63
CA GLY A 31 2.17 -15.33 -5.89
CA GLY A 31 1.42 -14.79 -4.78
C GLY A 31 2.42 -16.40 -4.83
C GLY A 31 1.95 -16.05 -4.13
N GLY A 32 1.39 -17.19 -4.53
CA GLY A 32 1.59 -18.41 -3.77
C GLY A 32 0.44 -18.66 -2.84
N LEU A 33 0.73 -19.41 -1.77
CA LEU A 33 -0.31 -19.89 -0.87
C LEU A 33 -0.41 -18.87 0.24
N VAL A 34 -1.60 -18.32 0.44
CA VAL A 34 -1.78 -17.29 1.46
C VAL A 34 -3.02 -17.62 2.26
N GLN A 35 -3.15 -17.02 3.43
CA GLN A 35 -4.26 -17.30 4.35
C GLN A 35 -5.36 -16.29 4.21
N ALA A 36 -6.59 -16.76 4.27
CA ALA A 36 -7.75 -15.91 4.23
C ALA A 36 -7.72 -14.86 5.31
N GLY A 37 -8.14 -13.65 4.98
CA GLY A 37 -8.12 -12.52 5.90
C GLY A 37 -6.88 -11.64 5.81
N GLY A 38 -5.81 -12.16 5.20
CA GLY A 38 -4.55 -11.44 5.02
C GLY A 38 -4.54 -10.48 3.88
N SER A 39 -3.35 -9.96 3.60
CA SER A 39 -3.14 -9.03 2.50
C SER A 39 -1.97 -9.53 1.64
N LEU A 40 -2.04 -9.18 0.36
CA LEU A 40 -0.95 -9.54 -0.53
C LEU A 40 -0.58 -8.39 -1.44
N ARG A 41 0.66 -8.45 -1.94
CA ARG A 41 1.13 -7.51 -2.94
C ARG A 41 1.67 -8.30 -4.13
N LEU A 42 1.13 -7.99 -5.30
CA LEU A 42 1.70 -8.54 -6.55
C LEU A 42 2.42 -7.43 -7.28
N SER A 43 3.54 -7.74 -7.91
CA SER A 43 4.20 -6.76 -8.77
C SER A 43 4.43 -7.32 -10.19
N CYS A 44 4.43 -6.42 -11.12
CA CYS A 44 4.69 -6.78 -12.54
C CYS A 44 5.60 -5.71 -13.12
N ALA A 45 6.72 -6.16 -13.66
CA ALA A 45 7.74 -5.28 -14.25
C ALA A 45 7.86 -5.56 -15.75
N ALA A 46 7.76 -4.53 -16.58
CA ALA A 46 8.01 -4.66 -18.01
C ALA A 46 9.45 -4.28 -18.34
N SER A 47 10.09 -5.13 -19.12
CA SER A 47 11.46 -4.84 -19.59
C SER A 47 11.57 -5.15 -21.09
N GLY A 48 12.71 -4.78 -21.70
CA GLY A 48 12.92 -4.98 -23.12
C GLY A 48 12.90 -3.68 -23.92
N SER A 49 12.62 -3.74 -25.20
CA SER A 49 12.66 -2.55 -26.05
C SER A 49 11.27 -2.13 -26.40
N PHE A 50 10.90 -0.92 -26.00
CA PHE A 50 9.57 -0.41 -26.35
C PHE A 50 9.58 1.10 -26.24
N PHE A 51 8.60 1.76 -26.85
CA PHE A 51 8.53 3.23 -26.71
C PHE A 51 7.75 3.72 -25.53
N SER A 52 6.51 3.23 -25.38
CA SER A 52 5.68 3.75 -24.31
C SER A 52 4.67 2.69 -23.90
N ILE A 53 4.30 2.75 -22.63
CA ILE A 53 3.32 1.83 -22.07
C ILE A 53 2.08 2.61 -21.88
N ASN A 54 1.01 2.18 -22.54
CA ASN A 54 -0.28 2.88 -22.45
C ASN A 54 -1.00 2.62 -21.10
N ASP A 55 -0.98 1.37 -20.66
CA ASP A 55 -1.60 0.96 -19.41
C ASP A 55 -1.09 -0.41 -19.03
N MET A 56 -1.20 -0.73 -17.74
CA MET A 56 -0.71 -1.98 -17.22
C MET A 56 -1.60 -2.38 -16.08
N GLY A 57 -1.81 -3.66 -15.88
CA GLY A 57 -2.54 -4.10 -14.70
C GLY A 57 -2.69 -5.57 -14.58
N TRP A 58 -3.64 -5.94 -13.76
CA TRP A 58 -3.82 -7.34 -13.41
CA TRP A 58 -3.83 -7.30 -13.33
C TRP A 58 -5.22 -7.81 -13.71
N TYR A 59 -5.26 -9.05 -14.19
CA TYR A 59 -6.45 -9.83 -14.48
C TYR A 59 -6.29 -11.14 -13.70
N ARG A 60 -7.37 -11.88 -13.57
CA ARG A 60 -7.30 -13.16 -12.94
C ARG A 60 -8.25 -14.15 -13.59
N GLN A 61 -7.91 -15.41 -13.47
CA GLN A 61 -8.74 -16.53 -14.02
C GLN A 61 -8.65 -17.73 -13.12
N ALA A 62 -9.79 -18.17 -12.65
CA ALA A 62 -9.89 -19.40 -11.86
C ALA A 62 -10.45 -20.50 -12.76
N PRO A 63 -10.19 -21.77 -12.40
CA PRO A 63 -10.62 -22.85 -13.26
C PRO A 63 -12.09 -22.83 -13.58
N GLY A 64 -12.41 -23.01 -14.85
CA GLY A 64 -13.80 -23.03 -15.29
C GLY A 64 -14.50 -21.66 -15.34
N LYS A 65 -13.78 -20.58 -14.99
CA LYS A 65 -14.34 -19.23 -14.90
CA LYS A 65 -14.36 -19.27 -14.92
C LYS A 65 -13.78 -18.35 -15.99
N GLN A 66 -14.53 -17.33 -16.36
CA GLN A 66 -13.97 -16.38 -17.30
C GLN A 66 -12.86 -15.55 -16.68
N ARG A 67 -11.87 -15.17 -17.48
CA ARG A 67 -10.85 -14.21 -17.02
CA ARG A 67 -10.85 -14.23 -17.00
C ARG A 67 -11.52 -12.88 -16.72
N GLU A 68 -11.09 -12.20 -15.69
CA GLU A 68 -11.72 -10.93 -15.37
C GLU A 68 -10.68 -9.93 -14.97
N LEU A 69 -11.01 -8.69 -15.23
CA LEU A 69 -10.14 -7.59 -14.82
C LEU A 69 -10.14 -7.52 -13.31
N VAL A 70 -8.98 -7.21 -12.72
CA VAL A 70 -8.86 -6.93 -11.30
C VAL A 70 -8.64 -5.41 -11.14
N ALA A 71 -7.52 -4.91 -11.65
CA ALA A 71 -7.26 -3.45 -11.58
C ALA A 71 -6.26 -3.06 -12.61
N VAL A 72 -6.42 -1.88 -13.18
CA VAL A 72 -5.50 -1.40 -14.23
C VAL A 72 -5.20 0.07 -14.00
N ILE A 73 -3.95 0.44 -14.30
CA ILE A 73 -3.51 1.81 -14.21
C ILE A 73 -2.97 2.30 -15.52
N SER A 74 -3.41 3.50 -15.91
CA SER A 74 -2.89 4.05 -17.15
CA SER A 74 -2.93 4.13 -17.15
C SER A 74 -1.67 4.94 -16.90
N SER A 75 -0.92 5.22 -17.98
CA SER A 75 0.24 6.06 -17.93
C SER A 75 0.09 7.36 -17.14
N GLY A 76 -1.03 8.01 -17.37
CA GLY A 76 -1.30 9.27 -16.70
C GLY A 76 -1.82 9.17 -15.29
N GLY A 77 -2.12 7.98 -14.84
CA GLY A 77 -2.54 7.77 -13.48
C GLY A 77 -4.02 7.45 -13.26
N SER A 78 -4.83 7.50 -14.30
CA SER A 78 -6.21 7.02 -14.15
CA SER A 78 -6.21 7.00 -14.21
C SER A 78 -6.21 5.53 -13.86
N THR A 79 -7.23 5.07 -13.15
CA THR A 79 -7.27 3.68 -12.72
C THR A 79 -8.67 3.12 -12.92
N ASN A 80 -8.78 1.81 -12.94
CA ASN A 80 -10.07 1.17 -12.85
CA ASN A 80 -10.04 1.08 -13.05
C ASN A 80 -9.96 -0.14 -12.13
N TYR A 81 -10.99 -0.39 -11.32
CA TYR A 81 -11.02 -1.50 -10.41
C TYR A 81 -12.26 -2.31 -10.60
N ALA A 82 -12.14 -3.61 -10.58
CA ALA A 82 -13.29 -4.51 -10.54
C ALA A 82 -14.10 -4.33 -9.24
N ASP A 83 -15.40 -4.58 -9.30
CA ASP A 83 -16.22 -4.44 -8.11
C ASP A 83 -15.73 -5.38 -6.99
N SER A 84 -15.20 -6.55 -7.36
CA SER A 84 -14.67 -7.55 -6.45
C SER A 84 -13.58 -7.02 -5.48
N VAL A 85 -12.84 -6.00 -5.91
CA VAL A 85 -11.67 -5.49 -5.15
C VAL A 85 -11.77 -3.98 -4.81
N GLU A 86 -12.70 -3.24 -5.41
CA GLU A 86 -12.87 -1.79 -5.10
C GLU A 86 -12.99 -1.62 -3.59
N GLY A 87 -12.21 -0.73 -3.05
CA GLY A 87 -12.34 -0.46 -1.63
C GLY A 87 -11.38 -1.24 -0.74
N ARG A 88 -10.76 -2.31 -1.27
CA ARG A 88 -9.84 -3.11 -0.50
C ARG A 88 -8.54 -3.34 -1.22
N SER A 89 -8.28 -2.48 -2.21
CA SER A 89 -7.10 -2.65 -3.06
C SER A 89 -6.63 -1.32 -3.59
N THR A 90 -5.35 -1.30 -3.93
CA THR A 90 -4.74 -0.17 -4.63
C THR A 90 -3.82 -0.70 -5.74
N ILE A 91 -3.96 -0.14 -6.94
CA ILE A 91 -3.02 -0.36 -7.99
C ILE A 91 -2.22 0.95 -8.14
N SER A 92 -0.89 0.76 -8.20
CA SER A 92 0.05 1.86 -8.27
C SER A 92 1.13 1.56 -9.27
N SER A 93 1.80 2.63 -9.66
CA SER A 93 2.91 2.47 -10.63
C SER A 93 4.18 3.15 -10.20
N ASP A 94 5.29 2.68 -10.75
CA ASP A 94 6.53 3.47 -10.70
C ASP A 94 6.93 3.53 -12.17
N ASN A 95 6.62 4.64 -12.81
CA ASN A 95 6.73 4.76 -14.29
C ASN A 95 8.18 4.67 -14.68
N ALA A 96 9.04 5.24 -13.85
CA ALA A 96 10.48 5.24 -14.14
C ALA A 96 10.97 3.81 -14.31
N LYS A 97 10.34 2.86 -13.63
CA LYS A 97 10.79 1.49 -13.72
C LYS A 97 9.77 0.55 -14.37
N ASN A 98 8.78 1.13 -15.05
CA ASN A 98 7.78 0.38 -15.82
C ASN A 98 7.25 -0.78 -15.01
N THR A 99 6.81 -0.51 -13.77
CA THR A 99 6.35 -1.55 -12.89
C THR A 99 5.05 -1.13 -12.27
N VAL A 100 4.16 -2.08 -12.08
CA VAL A 100 2.94 -1.84 -11.35
C VAL A 100 2.79 -2.80 -10.17
N TYR A 101 2.03 -2.35 -9.16
CA TYR A 101 1.88 -3.10 -7.94
C TYR A 101 0.40 -3.17 -7.62
N LEU A 102 -0.07 -4.34 -7.22
CA LEU A 102 -1.44 -4.49 -6.73
C LEU A 102 -1.36 -4.87 -5.27
N GLN A 103 -1.95 -4.03 -4.43
CA GLN A 103 -2.09 -4.32 -2.99
C GLN A 103 -3.53 -4.70 -2.74
N LEU A 104 -3.78 -5.82 -2.07
CA LEU A 104 -5.10 -6.41 -1.88
C LEU A 104 -5.26 -6.93 -0.47
N SER A 105 -6.27 -6.43 0.23
CA SER A 105 -6.54 -6.91 1.59
C SER A 105 -7.73 -7.83 1.68
N SER A 106 -7.99 -8.32 2.91
CA SER A 106 -9.22 -9.05 3.17
C SER A 106 -9.38 -10.29 2.26
N LEU A 107 -8.30 -11.02 2.07
CA LEU A 107 -8.33 -12.12 1.13
C LEU A 107 -9.37 -13.16 1.49
N LYS A 108 -10.01 -13.65 0.45
CA LYS A 108 -11.00 -14.70 0.63
C LYS A 108 -10.81 -15.81 -0.36
N PRO A 109 -11.35 -17.01 -0.07
CA PRO A 109 -11.18 -18.15 -0.97
C PRO A 109 -11.58 -17.85 -2.41
N GLU A 110 -12.57 -16.97 -2.56
CA GLU A 110 -12.98 -16.50 -3.90
C GLU A 110 -11.91 -15.72 -4.70
N ASP A 111 -10.82 -15.30 -4.02
CA ASP A 111 -9.69 -14.63 -4.62
C ASP A 111 -8.66 -15.62 -5.19
N THR A 112 -8.87 -16.92 -4.97
CA THR A 112 -7.99 -17.92 -5.56
C THR A 112 -8.10 -17.91 -7.07
N ALA A 113 -6.96 -17.81 -7.77
CA ALA A 113 -6.93 -17.74 -9.23
C ALA A 113 -5.52 -17.66 -9.73
N VAL A 114 -5.34 -17.88 -11.00
CA VAL A 114 -4.12 -17.46 -11.66
C VAL A 114 -4.27 -15.97 -11.94
N TYR A 115 -3.30 -15.16 -11.48
CA TYR A 115 -3.27 -13.72 -11.73
C TYR A 115 -2.28 -13.42 -12.90
N TYR A 116 -2.76 -12.65 -13.86
CA TYR A 116 -2.00 -12.29 -15.06
C TYR A 116 -1.75 -10.83 -15.19
N CYS A 117 -0.48 -10.42 -15.34
CA CYS A 117 -0.13 -9.07 -15.70
C CYS A 117 -0.45 -8.83 -17.17
N ASN A 118 -0.93 -7.65 -17.50
CA ASN A 118 -1.18 -7.23 -18.87
C ASN A 118 -0.59 -5.85 -19.07
N ALA A 119 0.10 -5.66 -20.19
CA ALA A 119 0.68 -4.37 -20.53
C ALA A 119 0.34 -4.03 -21.97
N ASN A 120 -0.22 -2.85 -22.19
CA ASN A 120 -0.56 -2.43 -23.53
CA ASN A 120 -0.65 -2.35 -23.51
C ASN A 120 0.46 -1.41 -23.94
N VAL A 121 1.22 -1.80 -24.97
CA VAL A 121 2.48 -1.12 -25.25
C VAL A 121 2.55 -0.61 -26.70
N ARG A 122 3.09 0.59 -26.88
CA ARG A 122 3.53 1.04 -28.18
C ARG A 122 5.02 0.75 -28.34
N LEU A 123 5.36 -0.07 -29.31
CA LEU A 123 6.77 -0.45 -29.45
C LEU A 123 7.57 0.64 -30.14
N ARG A 124 6.91 1.43 -31.00
CA ARG A 124 7.61 2.48 -31.75
C ARG A 124 7.07 3.90 -31.54
N GLU A 125 7.98 4.87 -31.42
CA GLU A 125 7.60 6.28 -31.24
C GLU A 125 6.62 6.79 -32.30
N TYR A 126 6.92 6.51 -33.55
CA TYR A 126 6.15 7.06 -34.69
C TYR A 126 4.93 6.24 -35.13
N ARG A 127 4.40 5.40 -34.23
CA ARG A 127 3.16 4.65 -34.54
C ARG A 127 2.16 4.55 -33.37
N THR A 128 0.89 4.62 -33.76
CA THR A 128 -0.25 4.59 -32.86
C THR A 128 -0.45 3.16 -32.35
N THR A 129 -0.22 2.21 -33.26
CA THR A 129 -0.45 0.76 -33.06
C THR A 129 0.14 0.21 -31.77
N SER A 130 -0.66 -0.62 -31.07
CA SER A 130 -0.24 -1.11 -29.78
C SER A 130 -0.31 -2.63 -29.78
N TYR A 131 0.49 -3.22 -28.92
CA TYR A 131 0.52 -4.67 -28.66
C TYR A 131 0.11 -4.95 -27.22
N HIS A 132 -0.61 -6.05 -27.03
CA HIS A 132 -1.15 -6.40 -25.74
C HIS A 132 -0.43 -7.62 -25.22
N TYR A 133 0.42 -7.39 -24.24
CA TYR A 133 1.25 -8.43 -23.64
C TYR A 133 0.58 -8.99 -22.40
N TRP A 134 0.64 -10.31 -22.28
CA TRP A 134 0.07 -11.04 -21.16
C TRP A 134 1.16 -11.89 -20.55
N GLY A 135 1.33 -11.79 -19.25
CA GLY A 135 2.30 -12.59 -18.55
C GLY A 135 1.92 -14.07 -18.49
N GLN A 136 2.88 -14.86 -18.03
CA GLN A 136 2.71 -16.29 -17.80
C GLN A 136 1.63 -16.60 -16.78
N GLY A 137 1.49 -15.71 -15.80
CA GLY A 137 0.47 -15.89 -14.76
C GLY A 137 1.09 -16.47 -13.51
N THR A 138 0.59 -16.05 -12.36
CA THR A 138 1.04 -16.55 -11.10
C THR A 138 -0.14 -17.02 -10.25
N GLN A 139 -0.04 -18.24 -9.74
CA GLN A 139 -1.09 -18.80 -8.88
C GLN A 139 -1.14 -18.09 -7.54
N VAL A 140 -2.35 -17.68 -7.12
CA VAL A 140 -2.60 -17.23 -5.78
C VAL A 140 -3.64 -18.19 -5.23
N THR A 141 -3.36 -18.83 -4.11
CA THR A 141 -4.31 -19.76 -3.49
C THR A 141 -4.56 -19.27 -2.07
N VAL A 142 -5.80 -18.92 -1.79
CA VAL A 142 -6.26 -18.47 -0.48
C VAL A 142 -6.87 -19.64 0.26
N SER A 143 -6.25 -20.00 1.37
CA SER A 143 -6.76 -21.10 2.20
C SER A 143 -7.40 -20.61 3.45
N SER A 144 -8.42 -21.33 3.93
CA SER A 144 -9.07 -21.02 5.23
C SER A 144 -8.62 -21.95 6.36
N GLN B 23 8.99 -8.22 0.91
CA GLN B 23 9.13 -7.37 2.11
C GLN B 23 7.83 -6.60 2.37
N VAL B 24 7.48 -6.50 3.64
CA VAL B 24 6.56 -5.49 4.10
C VAL B 24 7.28 -4.15 4.21
N GLN B 25 6.60 -3.09 3.79
CA GLN B 25 7.15 -1.74 3.82
C GLN B 25 6.10 -0.76 4.32
N LEU B 26 6.55 0.24 5.03
CA LEU B 26 5.66 1.31 5.46
C LEU B 26 5.92 2.51 4.59
N VAL B 27 4.87 3.00 3.94
CA VAL B 27 4.98 4.13 3.05
C VAL B 27 4.35 5.36 3.70
N GLU B 28 5.15 6.39 3.87
N GLU B 28 5.17 6.36 4.05
CA GLU B 28 4.77 7.58 4.61
CA GLU B 28 4.70 7.64 4.65
C GLU B 28 4.57 8.79 3.66
C GLU B 28 4.42 8.63 3.50
N SER B 29 3.43 9.47 3.76
CA SER B 29 3.12 10.68 2.97
C SER B 29 2.76 11.88 3.86
N GLY B 30 3.02 13.08 3.36
CA GLY B 30 2.76 14.30 4.08
C GLY B 30 4.07 14.83 4.67
N GLY B 31 4.01 15.98 5.30
CA GLY B 31 5.15 16.47 6.09
C GLY B 31 5.86 17.62 5.42
N GLY B 32 7.11 17.87 5.82
CA GLY B 32 7.86 19.01 5.32
C GLY B 32 7.57 20.27 6.09
N LEU B 33 7.72 21.42 5.45
CA LEU B 33 7.47 22.68 6.13
C LEU B 33 5.98 22.87 6.37
N VAL B 34 5.60 23.20 7.59
CA VAL B 34 4.20 23.43 7.94
C VAL B 34 4.06 24.68 8.78
N GLN B 35 2.84 25.19 8.87
CA GLN B 35 2.61 26.52 9.46
C GLN B 35 2.23 26.44 10.93
N ALA B 36 2.93 27.22 11.76
CA ALA B 36 2.59 27.35 13.16
C ALA B 36 1.11 27.74 13.32
N GLY B 37 0.42 27.13 14.29
CA GLY B 37 -1.02 27.27 14.45
C GLY B 37 -1.90 26.55 13.43
N GLY B 38 -1.32 25.98 12.37
CA GLY B 38 -2.09 25.24 11.38
C GLY B 38 -2.18 23.74 11.66
N SER B 39 -2.34 22.99 10.60
CA SER B 39 -2.47 21.53 10.73
C SER B 39 -1.43 20.75 9.98
N LEU B 40 -1.11 19.58 10.53
CA LEU B 40 -0.22 18.62 9.93
C LEU B 40 -1.07 17.38 9.61
N ARG B 41 -0.92 16.91 8.37
CA ARG B 41 -1.55 15.65 7.93
C ARG B 41 -0.50 14.69 7.45
N LEU B 42 -0.48 13.50 8.06
CA LEU B 42 0.41 12.43 7.65
C LEU B 42 -0.36 11.18 7.41
N SER B 43 0.14 10.34 6.48
CA SER B 43 -0.43 9.03 6.27
C SER B 43 0.65 7.99 6.26
N CYS B 44 0.27 6.79 6.67
CA CYS B 44 1.16 5.64 6.63
CA CYS B 44 1.17 5.64 6.77
C CYS B 44 0.42 4.43 6.17
N ALA B 45 0.93 3.83 5.09
CA ALA B 45 0.31 2.72 4.44
C ALA B 45 1.20 1.50 4.49
N ALA B 46 0.67 0.36 4.90
CA ALA B 46 1.47 -0.84 4.90
C ALA B 46 1.36 -1.53 3.55
N SER B 47 2.49 -1.82 2.95
N SER B 47 2.52 -1.84 2.98
CA SER B 47 2.42 -2.52 1.69
CA SER B 47 2.65 -2.41 1.62
C SER B 47 3.12 -3.83 1.88
C SER B 47 3.37 -3.75 1.65
N GLY B 48 2.77 -4.78 1.05
CA GLY B 48 3.39 -6.08 1.07
C GLY B 48 2.40 -7.16 1.42
N SER B 49 2.94 -8.32 1.72
CA SER B 49 2.14 -9.49 2.06
C SER B 49 2.29 -9.82 3.55
N PHE B 50 1.15 -9.89 4.24
CA PHE B 50 1.15 -10.15 5.68
C PHE B 50 -0.23 -10.62 6.08
N PHE B 51 -0.37 -11.16 7.28
CA PHE B 51 -1.66 -11.60 7.76
C PHE B 51 -2.46 -10.53 8.44
N SER B 52 -1.89 -9.77 9.41
CA SER B 52 -2.63 -8.74 10.05
C SER B 52 -1.69 -7.72 10.58
N ILE B 53 -2.20 -6.53 10.67
CA ILE B 53 -1.55 -5.42 11.37
C ILE B 53 -2.26 -5.11 12.65
N ASN B 54 -1.55 -5.23 13.76
CA ASN B 54 -2.19 -5.21 15.10
C ASN B 54 -2.47 -3.78 15.53
N ASP B 55 -1.49 -2.88 15.21
CA ASP B 55 -1.59 -1.49 15.53
C ASP B 55 -0.57 -0.76 14.66
N MET B 56 -0.86 0.50 14.37
CA MET B 56 -0.02 1.34 13.51
CA MET B 56 -0.04 1.30 13.49
C MET B 56 -0.17 2.76 13.99
N GLY B 57 0.85 3.54 13.80
CA GLY B 57 0.78 4.94 14.17
C GLY B 57 2.10 5.59 14.11
N TRP B 58 2.26 6.69 14.83
CA TRP B 58 3.42 7.55 14.69
C TRP B 58 4.14 7.79 15.97
N TYR B 59 5.48 7.85 15.86
CA TYR B 59 6.40 8.34 16.86
C TYR B 59 7.11 9.52 16.29
N ARG B 60 7.73 10.32 17.14
CA ARG B 60 8.50 11.43 16.61
C ARG B 60 9.73 11.64 17.43
N GLN B 61 10.76 12.21 16.80
CA GLN B 61 11.97 12.57 17.54
C GLN B 61 12.37 13.99 17.25
N ALA B 62 12.29 14.84 18.26
CA ALA B 62 12.62 16.24 18.10
C ALA B 62 14.10 16.46 18.43
N PRO B 63 14.70 17.55 17.96
CA PRO B 63 16.10 17.83 18.35
C PRO B 63 16.27 17.87 19.87
N GLY B 64 17.35 17.28 20.37
CA GLY B 64 17.60 17.27 21.81
C GLY B 64 16.79 16.24 22.57
N LYS B 65 15.82 15.62 21.93
CA LYS B 65 14.92 14.72 22.64
C LYS B 65 15.00 13.30 22.13
N GLN B 66 14.46 12.41 22.95
CA GLN B 66 14.33 11.05 22.58
C GLN B 66 13.08 10.87 21.71
N ARG B 67 13.04 9.75 20.99
CA ARG B 67 11.86 9.34 20.20
C ARG B 67 10.71 9.11 21.18
N GLU B 68 9.51 9.56 20.79
CA GLU B 68 8.35 9.49 21.67
CA GLU B 68 8.34 9.52 21.67
C GLU B 68 7.12 9.15 20.86
N LEU B 69 6.19 8.43 21.47
CA LEU B 69 4.91 8.06 20.81
C LEU B 69 4.10 9.30 20.60
N VAL B 70 3.46 9.39 19.44
CA VAL B 70 2.54 10.49 19.20
C VAL B 70 1.11 9.99 19.28
N ALA B 71 0.76 9.05 18.41
CA ALA B 71 -0.63 8.51 18.38
C ALA B 71 -0.59 7.16 17.70
N VAL B 72 -1.39 6.23 18.20
CA VAL B 72 -1.44 4.87 17.67
C VAL B 72 -2.88 4.42 17.64
N ILE B 73 -3.22 3.66 16.61
CA ILE B 73 -4.56 3.04 16.52
C ILE B 73 -4.47 1.51 16.35
N SER B 74 -5.32 0.77 17.01
CA SER B 74 -5.36 -0.68 16.86
CA SER B 74 -5.36 -0.66 16.87
C SER B 74 -6.34 -1.09 15.78
N SER B 75 -6.20 -2.32 15.31
CA SER B 75 -7.10 -2.79 14.30
CA SER B 75 -7.10 -2.82 14.29
C SER B 75 -8.58 -2.77 14.71
N GLY B 76 -8.88 -2.95 16.01
CA GLY B 76 -10.23 -2.84 16.50
C GLY B 76 -10.79 -1.45 16.76
N GLY B 77 -9.95 -0.46 16.68
CA GLY B 77 -10.35 0.92 16.78
C GLY B 77 -9.89 1.66 18.05
N SER B 78 -9.25 0.96 18.98
CA SER B 78 -8.74 1.60 20.20
CA SER B 78 -8.80 1.66 20.17
C SER B 78 -7.63 2.58 19.78
N THR B 79 -7.45 3.66 20.54
CA THR B 79 -6.44 4.63 20.21
C THR B 79 -5.70 5.06 21.48
N ASN B 80 -4.50 5.57 21.28
CA ASN B 80 -3.83 6.27 22.36
CA ASN B 80 -3.66 6.12 22.34
C ASN B 80 -2.98 7.39 21.83
N TYR B 81 -2.97 8.45 22.63
CA TYR B 81 -2.34 9.74 22.26
C TYR B 81 -1.40 10.20 23.33
N ALA B 82 -0.26 10.74 22.93
CA ALA B 82 0.61 11.42 23.92
C ALA B 82 -0.10 12.61 24.54
N ASP B 83 0.19 12.88 25.80
CA ASP B 83 -0.40 14.06 26.47
C ASP B 83 -0.22 15.35 25.68
N SER B 84 0.94 15.52 25.06
CA SER B 84 1.26 16.71 24.30
C SER B 84 0.34 17.03 23.14
N VAL B 85 -0.28 15.99 22.57
CA VAL B 85 -1.16 16.17 21.43
C VAL B 85 -2.62 15.85 21.70
N GLU B 86 -2.96 15.26 22.85
CA GLU B 86 -4.36 14.92 23.18
C GLU B 86 -5.18 16.23 23.08
N GLY B 87 -6.34 16.12 22.45
CA GLY B 87 -7.22 17.28 22.28
C GLY B 87 -6.96 18.12 21.04
N ARG B 88 -5.87 17.87 20.32
CA ARG B 88 -5.60 18.60 19.08
C ARG B 88 -5.11 17.64 18.02
N SER B 89 -5.59 16.41 18.08
CA SER B 89 -5.15 15.40 17.14
C SER B 89 -6.12 14.26 17.04
N THR B 90 -6.10 13.62 15.86
CA THR B 90 -6.94 12.46 15.61
C THR B 90 -6.11 11.52 14.82
N ILE B 91 -6.05 10.27 15.26
CA ILE B 91 -5.57 9.18 14.37
C ILE B 91 -6.75 8.29 13.92
N SER B 92 -6.80 8.02 12.62
CA SER B 92 -7.91 7.28 11.99
C SER B 92 -7.33 6.20 11.12
N SER B 93 -8.17 5.27 10.75
CA SER B 93 -7.67 4.20 9.87
CA SER B 93 -7.70 4.12 9.92
C SER B 93 -8.62 3.83 8.78
N ASP B 94 -8.03 3.30 7.68
CA ASP B 94 -8.78 2.60 6.64
C ASP B 94 -8.28 1.18 6.68
N ASN B 95 -8.94 0.34 7.48
CA ASN B 95 -8.44 -1.04 7.70
C ASN B 95 -8.37 -1.80 6.38
N ALA B 96 -9.35 -1.54 5.50
CA ALA B 96 -9.40 -2.27 4.19
C ALA B 96 -8.23 -1.93 3.29
N LYS B 97 -7.55 -0.85 3.56
CA LYS B 97 -6.34 -0.51 2.79
C LYS B 97 -5.08 -0.48 3.65
N ASN B 98 -5.19 -0.99 4.89
CA ASN B 98 -4.09 -1.03 5.83
C ASN B 98 -3.34 0.31 5.83
N THR B 99 -4.08 1.40 6.00
CA THR B 99 -3.53 2.75 6.03
C THR B 99 -4.09 3.50 7.23
N VAL B 100 -3.20 4.25 7.90
CA VAL B 100 -3.66 5.14 8.93
C VAL B 100 -3.26 6.61 8.61
N TYR B 101 -3.97 7.49 9.28
CA TYR B 101 -3.91 8.93 9.03
C TYR B 101 -3.83 9.69 10.33
N LEU B 102 -2.90 10.65 10.38
CA LEU B 102 -2.75 11.53 11.52
C LEU B 102 -3.09 12.94 11.15
N GLN B 103 -3.91 13.58 11.97
CA GLN B 103 -4.12 15.01 11.90
C GLN B 103 -3.61 15.61 13.22
N LEU B 104 -2.74 16.59 13.14
CA LEU B 104 -2.29 17.30 14.38
C LEU B 104 -2.57 18.78 14.11
N SER B 105 -3.40 19.37 14.91
CA SER B 105 -3.75 20.78 14.68
C SER B 105 -3.11 21.71 15.70
N SER B 106 -3.32 23.00 15.53
CA SER B 106 -2.71 23.97 16.42
C SER B 106 -1.22 23.73 16.59
N LEU B 107 -0.55 23.55 15.48
CA LEU B 107 0.89 23.32 15.47
C LEU B 107 1.74 24.32 16.24
N LYS B 108 2.67 23.77 17.02
CA LYS B 108 3.58 24.55 17.85
C LYS B 108 5.00 24.25 17.45
N PRO B 109 5.94 25.12 17.83
CA PRO B 109 7.34 24.80 17.58
C PRO B 109 7.77 23.46 18.16
N GLU B 110 7.13 23.03 19.26
CA GLU B 110 7.44 21.75 19.88
C GLU B 110 7.17 20.57 18.93
N ASP B 111 6.40 20.82 17.87
CA ASP B 111 6.03 19.74 16.93
C ASP B 111 7.06 19.50 15.82
N THR B 112 8.08 20.32 15.77
CA THR B 112 9.16 20.09 14.83
C THR B 112 9.87 18.84 15.27
N ALA B 113 9.95 17.89 14.35
CA ALA B 113 10.58 16.62 14.64
C ALA B 113 10.64 15.77 13.40
N VAL B 114 11.38 14.69 13.51
CA VAL B 114 11.32 13.63 12.54
C VAL B 114 10.20 12.70 13.02
N TYR B 115 9.24 12.46 12.12
CA TYR B 115 8.10 11.64 12.39
C TYR B 115 8.24 10.30 11.70
N TYR B 116 7.97 9.23 12.44
CA TYR B 116 8.21 7.84 11.99
C TYR B 116 6.91 7.04 12.14
N CYS B 117 6.49 6.42 11.06
CA CYS B 117 5.43 5.45 11.17
CA CYS B 117 5.43 5.42 11.07
C CYS B 117 5.96 4.19 11.80
N ASN B 118 5.12 3.50 12.53
CA ASN B 118 5.43 2.24 13.20
C ASN B 118 4.28 1.31 13.05
N ALA B 119 4.54 0.01 13.00
CA ALA B 119 3.46 -0.97 12.88
C ALA B 119 3.87 -2.27 13.48
N ASN B 120 2.91 -2.90 14.16
CA ASN B 120 3.13 -4.21 14.67
CA ASN B 120 3.08 -4.20 14.73
C ASN B 120 2.38 -5.18 13.80
N VAL B 121 3.13 -6.07 13.17
CA VAL B 121 2.62 -6.88 12.06
C VAL B 121 2.79 -8.35 12.32
N ARG B 122 1.69 -9.07 12.11
CA ARG B 122 1.70 -10.49 12.16
C ARG B 122 1.83 -11.03 10.72
N LEU B 123 2.95 -11.62 10.39
CA LEU B 123 3.21 -12.03 9.02
C LEU B 123 2.36 -13.18 8.59
N ARG B 124 2.14 -14.12 9.49
CA ARG B 124 1.44 -15.38 9.17
C ARG B 124 0.38 -15.69 10.20
N GLU B 125 -0.62 -16.46 9.79
CA GLU B 125 -1.63 -16.90 10.72
C GLU B 125 -1.07 -18.06 11.53
N TYR B 126 -0.18 -18.85 10.92
CA TYR B 126 0.46 -20.03 11.55
C TYR B 126 0.72 -19.83 13.06
N ARG B 127 1.13 -18.62 13.43
CA ARG B 127 1.63 -18.37 14.78
C ARG B 127 1.29 -16.96 15.25
N THR B 128 1.48 -16.74 16.54
CA THR B 128 1.22 -15.44 17.17
C THR B 128 2.25 -14.33 16.82
N THR B 129 3.46 -14.78 16.44
CA THR B 129 4.69 -14.00 16.33
C THR B 129 4.49 -12.71 15.59
N SER B 130 4.88 -11.59 16.19
CA SER B 130 4.82 -10.34 15.49
C SER B 130 6.21 -9.73 15.25
N TYR B 131 6.22 -8.83 14.29
CA TYR B 131 7.39 -8.01 13.96
C TYR B 131 7.01 -6.55 14.04
N HIS B 132 7.96 -5.74 14.48
CA HIS B 132 7.73 -4.33 14.64
C HIS B 132 8.48 -3.56 13.61
N TYR B 133 7.73 -2.87 12.78
CA TYR B 133 8.28 -2.16 11.63
C TYR B 133 8.33 -0.67 11.94
N TRP B 134 9.44 -0.06 11.58
CA TRP B 134 9.65 1.40 11.65
C TRP B 134 9.94 1.98 10.32
N GLY B 135 9.20 3.02 9.93
CA GLY B 135 9.45 3.61 8.63
C GLY B 135 10.64 4.54 8.57
N GLN B 136 10.81 5.14 7.40
CA GLN B 136 11.82 6.18 7.21
C GLN B 136 11.33 7.39 7.88
N GLY B 137 12.22 8.10 8.52
CA GLY B 137 11.76 9.27 9.21
C GLY B 137 11.35 10.31 8.19
N THR B 138 10.36 11.11 8.53
CA THR B 138 9.88 12.22 7.71
C THR B 138 10.03 13.50 8.51
N GLN B 139 10.87 14.40 8.02
CA GLN B 139 11.08 15.70 8.67
C GLN B 139 9.83 16.57 8.58
N VAL B 140 9.40 17.11 9.72
CA VAL B 140 8.34 18.10 9.83
C VAL B 140 8.93 19.32 10.54
N THR B 141 8.89 20.46 9.87
CA THR B 141 9.48 21.67 10.41
C THR B 141 8.34 22.67 10.53
N VAL B 142 8.03 23.07 11.76
CA VAL B 142 7.01 24.11 11.99
C VAL B 142 7.65 25.51 11.91
N SER B 143 7.02 26.39 11.12
CA SER B 143 7.52 27.77 10.92
C SER B 143 7.43 28.66 12.17
C1 GOL C . 3.48 1.59 -15.26
O1 GOL C . 4.80 2.06 -15.02
C2 GOL C . 2.70 2.62 -16.06
O2 GOL C . 3.22 2.67 -17.39
C3 GOL C . 1.24 2.21 -16.07
O3 GOL C . 0.68 2.43 -17.35
C1 GOL D . -4.55 -0.16 12.09
O1 GOL D . -3.87 -0.64 13.24
C2 GOL D . -4.38 -1.24 11.03
O2 GOL D . -4.94 -2.46 11.56
C3 GOL D . -5.01 -0.87 9.70
O3 GOL D . -5.24 -2.11 9.01
C1 GOL E . 0.39 19.12 5.43
O1 GOL E . -0.67 18.79 6.33
C2 GOL E . 0.87 17.90 4.65
O2 GOL E . 1.63 17.04 5.54
C3 GOL E . 1.71 18.42 3.49
O3 GOL E . 2.83 17.59 3.19
#